data_9HSR
#
_entry.id   9HSR
#
_cell.length_a   50.329
_cell.length_b   68.505
_cell.length_c   117.897
_cell.angle_alpha   90.000
_cell.angle_beta   90.000
_cell.angle_gamma   90.000
#
_symmetry.space_group_name_H-M   'I 2 2 2'
#
loop_
_entity.id
_entity.type
_entity.pdbx_description
1 polymer 'choline-phosphate cytidylyltransferase'
2 non-polymer 1lambda~6~-thietane-1,1-dione
3 water water
#
_entity_poly.entity_id   1
_entity_poly.type   'polypeptide(L)'
_entity_poly.pdbx_seq_one_letter_code
;GHMAVPDDDDDDDNSNDESEYESSQMDSEKNKGSIKNSKNVVIYADGVYDMLHLGHMKQLEQAKKLFENTTLIVGVTSDN
ETKLFKGQVVQTLEERTETLKHIRWVDEIISPCPWVVTPEFLEKYKIDYVAHDDIPYANNQKEDIYAWLKRAGKFKATQR
TEGVSTTDLIVRILKNYED
;
_entity_poly.pdbx_strand_id   A
#
loop_
_chem_comp.id
_chem_comp.type
_chem_comp.name
_chem_comp.formula
XFV non-polymer 1lambda~6~-thietane-1,1-dione 'C3 H6 O2 S'
#
# COMPACT_ATOMS: atom_id res chain seq x y z
N LYS A 39 8.80 9.66 20.18
CA LYS A 39 7.42 9.19 20.07
C LYS A 39 6.99 8.94 18.61
N ASN A 40 7.91 9.08 17.64
CA ASN A 40 7.55 8.93 16.23
C ASN A 40 7.74 7.48 15.74
N VAL A 41 6.67 6.92 15.20
CA VAL A 41 6.59 5.50 14.86
C VAL A 41 6.69 5.41 13.34
N VAL A 42 7.49 4.47 12.83
CA VAL A 42 7.61 4.27 11.40
C VAL A 42 6.67 3.15 10.99
N ILE A 43 5.74 3.47 10.09
CA ILE A 43 4.79 2.51 9.54
C ILE A 43 5.13 2.25 8.08
N TYR A 44 5.19 0.98 7.69
CA TYR A 44 5.41 0.59 6.31
C TYR A 44 4.16 -0.08 5.77
N ALA A 45 3.68 0.40 4.64
CA ALA A 45 2.53 -0.20 3.96
C ALA A 45 2.89 -0.38 2.49
N ASP A 46 2.94 -1.62 2.04
CA ASP A 46 3.27 -1.92 0.65
C ASP A 46 2.03 -2.28 -0.15
N GLY A 47 2.19 -2.27 -1.46
CA GLY A 47 1.06 -2.52 -2.36
C GLY A 47 1.46 -2.33 -3.79
N VAL A 48 0.48 -2.60 -4.65
CA VAL A 48 0.64 -2.31 -6.06
C VAL A 48 0.25 -0.86 -6.35
N TYR A 49 -0.81 -0.39 -5.70
CA TYR A 49 -1.33 0.95 -5.95
C TYR A 49 -1.52 1.20 -7.44
N ASP A 50 -2.14 0.24 -8.09
CA ASP A 50 -2.50 0.41 -9.49
C ASP A 50 -3.80 1.20 -9.59
N MET A 51 -3.82 2.20 -10.46
CA MET A 51 -5.00 3.04 -10.69
C MET A 51 -5.67 3.46 -9.38
N LEU A 52 -4.86 4.11 -8.55
CA LEU A 52 -5.28 4.47 -7.20
C LEU A 52 -6.66 5.11 -7.22
N HIS A 53 -7.37 4.94 -6.09
CA HIS A 53 -8.73 5.46 -5.92
C HIS A 53 -9.02 5.60 -4.42
N LEU A 54 -10.22 6.08 -4.10
CA LEU A 54 -10.57 6.39 -2.72
C LEU A 54 -10.38 5.18 -1.82
N GLY A 55 -10.63 3.98 -2.35
CA GLY A 55 -10.26 2.77 -1.63
C GLY A 55 -8.85 2.79 -1.11
N HIS A 56 -7.86 3.01 -2.00
CA HIS A 56 -6.47 3.04 -1.56
C HIS A 56 -6.24 4.20 -0.60
N MET A 57 -6.79 5.36 -0.91
CA MET A 57 -6.54 6.52 -0.07
C MET A 57 -7.07 6.27 1.34
N LYS A 58 -8.33 5.82 1.47
CA LYS A 58 -8.86 5.58 2.80
C LYS A 58 -7.96 4.60 3.56
N GLN A 59 -7.34 3.63 2.87
CA GLN A 59 -6.45 2.67 3.53
C GLN A 59 -5.16 3.34 3.99
N LEU A 60 -4.56 4.19 3.15
CA LEU A 60 -3.36 4.92 3.54
C LEU A 60 -3.61 5.87 4.71
N GLU A 61 -4.71 6.62 4.67
CA GLU A 61 -5.12 7.41 5.83
C GLU A 61 -5.13 6.55 7.08
N GLN A 62 -5.64 5.32 6.96
CA GLN A 62 -5.77 4.47 8.13
C GLN A 62 -4.40 4.15 8.73
N ALA A 63 -3.46 3.72 7.90
CA ALA A 63 -2.12 3.46 8.41
C ALA A 63 -1.51 4.72 9.01
N LYS A 64 -1.60 5.83 8.28
CA LYS A 64 -1.01 7.07 8.79
C LYS A 64 -1.50 7.38 10.21
N LYS A 65 -2.80 7.23 10.47
CA LYS A 65 -3.36 7.57 11.77
C LYS A 65 -3.39 6.39 12.72
N LEU A 66 -2.62 5.34 12.47
CA LEU A 66 -2.51 4.27 13.45
C LEU A 66 -2.06 4.83 14.80
N PHE A 67 -1.11 5.76 14.81
CA PHE A 67 -0.62 6.34 16.05
C PHE A 67 -0.56 7.86 15.91
N GLU A 68 -0.37 8.53 17.05
CA GLU A 68 -0.38 9.99 17.07
C GLU A 68 0.72 10.57 16.20
N ASN A 69 1.93 10.02 16.29
CA ASN A 69 3.08 10.50 15.51
C ASN A 69 3.57 9.38 14.61
N THR A 70 3.34 9.51 13.31
CA THR A 70 3.79 8.50 12.38
C THR A 70 4.67 9.08 11.29
N THR A 71 5.50 8.21 10.72
CA THR A 71 6.05 8.40 9.38
C THR A 71 5.57 7.22 8.57
N LEU A 72 4.70 7.49 7.61
CA LEU A 72 4.17 6.46 6.74
C LEU A 72 5.12 6.29 5.56
N ILE A 73 5.74 5.13 5.46
CA ILE A 73 6.55 4.76 4.30
C ILE A 73 5.72 3.82 3.47
N VAL A 74 5.57 4.11 2.19
CA VAL A 74 4.83 3.27 1.28
C VAL A 74 5.83 2.56 0.38
N GLY A 75 5.56 1.31 0.07
CA GLY A 75 6.41 0.58 -0.85
C GLY A 75 5.61 0.28 -2.09
N VAL A 76 6.14 0.62 -3.25
CA VAL A 76 5.48 0.35 -4.51
C VAL A 76 6.16 -0.84 -5.15
N THR A 77 5.37 -1.84 -5.54
CA THR A 77 5.91 -3.09 -6.06
C THR A 77 6.43 -2.91 -7.50
N SER A 78 7.51 -3.63 -7.83
CA SER A 78 8.06 -3.46 -9.17
C SER A 78 7.08 -3.98 -10.21
N ASP A 79 7.27 -3.55 -11.46
CA ASP A 79 6.37 -3.95 -12.53
C ASP A 79 6.47 -5.44 -12.81
N ASN A 80 7.67 -5.94 -13.03
CA ASN A 80 7.76 -7.35 -13.40
C ASN A 80 7.34 -8.27 -12.24
N GLU A 81 7.56 -7.83 -10.99
CA GLU A 81 7.14 -8.66 -9.85
C GLU A 81 5.62 -8.72 -9.74
N THR A 82 4.94 -7.60 -9.91
CA THR A 82 3.48 -7.63 -10.03
C THR A 82 3.04 -8.50 -11.19
N LYS A 83 3.48 -8.15 -12.41
CA LYS A 83 3.13 -8.91 -13.59
C LYS A 83 3.19 -10.40 -13.30
N LEU A 84 4.23 -10.82 -12.61
CA LEU A 84 4.48 -12.25 -12.44
C LEU A 84 3.68 -12.84 -11.29
N PHE A 85 3.60 -12.15 -10.15
CA PHE A 85 2.97 -12.75 -8.97
C PHE A 85 1.48 -12.44 -8.84
N LYS A 86 1.00 -11.29 -9.32
CA LYS A 86 -0.43 -10.96 -9.22
C LYS A 86 -1.17 -11.12 -10.55
N GLY A 87 -0.61 -10.60 -11.62
CA GLY A 87 -1.26 -10.50 -12.89
C GLY A 87 -0.96 -9.15 -13.49
N GLN A 88 -1.80 -8.75 -14.44
CA GLN A 88 -1.54 -7.50 -15.13
C GLN A 88 -1.42 -6.34 -14.13
N VAL A 89 -0.51 -5.41 -14.44
CA VAL A 89 -0.48 -4.09 -13.82
C VAL A 89 -0.71 -3.07 -14.94
N VAL A 90 -1.58 -2.10 -14.68
CA VAL A 90 -2.01 -1.17 -15.72
C VAL A 90 -1.09 0.02 -15.85
N GLN A 91 -0.50 0.46 -14.75
CA GLN A 91 0.38 1.61 -14.74
C GLN A 91 1.80 1.17 -14.40
N THR A 92 2.76 1.84 -15.03
CA THR A 92 4.17 1.59 -14.75
C THR A 92 4.49 2.02 -13.32
N LEU A 93 5.64 1.55 -12.84
CA LEU A 93 6.14 2.00 -11.55
C LEU A 93 6.15 3.51 -11.46
N GLU A 94 6.78 4.21 -12.42
CA GLU A 94 6.86 5.66 -12.32
C GLU A 94 5.47 6.29 -12.23
N GLU A 95 4.50 5.78 -12.98
CA GLU A 95 3.15 6.33 -12.90
C GLU A 95 2.52 6.07 -11.54
N ARG A 96 2.56 4.83 -11.06
CA ARG A 96 1.97 4.52 -9.76
C ARG A 96 2.69 5.29 -8.64
N THR A 97 4.01 5.45 -8.74
CA THR A 97 4.74 6.16 -7.70
C THR A 97 4.48 7.64 -7.78
N GLU A 98 4.33 8.19 -8.97
CA GLU A 98 4.11 9.63 -9.05
C GLU A 98 2.77 10.00 -8.43
N THR A 99 1.78 9.13 -8.57
CA THR A 99 0.48 9.41 -7.97
C THR A 99 0.55 9.40 -6.44
N LEU A 100 1.18 8.36 -5.88
CA LEU A 100 1.37 8.29 -4.44
C LEU A 100 1.89 9.59 -3.86
N LYS A 101 2.88 10.21 -4.50
CA LYS A 101 3.48 11.37 -3.86
C LYS A 101 2.47 12.49 -3.66
N HIS A 102 1.33 12.45 -4.33
CA HIS A 102 0.36 13.52 -4.15
C HIS A 102 -0.55 13.32 -2.96
N ILE A 103 -0.53 12.14 -2.33
CA ILE A 103 -1.44 11.79 -1.26
C ILE A 103 -0.86 12.26 0.06
N ARG A 104 -1.67 12.99 0.84
CA ARG A 104 -1.17 13.74 1.99
C ARG A 104 -0.72 12.82 3.11
N TRP A 105 -1.28 11.62 3.20
CA TRP A 105 -0.89 10.69 4.24
C TRP A 105 0.48 10.10 4.01
N VAL A 106 1.00 10.18 2.79
CA VAL A 106 2.23 9.48 2.44
C VAL A 106 3.40 10.36 2.81
N ASP A 107 4.31 9.82 3.62
CA ASP A 107 5.48 10.58 4.00
C ASP A 107 6.73 10.22 3.17
N GLU A 108 6.86 8.95 2.77
CA GLU A 108 8.05 8.47 2.09
C GLU A 108 7.68 7.29 1.21
N ILE A 109 8.34 7.17 0.06
CA ILE A 109 8.07 6.07 -0.85
C ILE A 109 9.35 5.27 -1.07
N ILE A 110 9.23 3.96 -1.00
CA ILE A 110 10.28 3.05 -1.41
C ILE A 110 9.80 2.45 -2.73
N SER A 111 10.37 2.94 -3.83
CA SER A 111 9.91 2.57 -5.16
C SER A 111 11.09 2.26 -6.06
N PRO A 112 11.24 1.01 -6.53
CA PRO A 112 10.35 -0.10 -6.17
C PRO A 112 10.66 -0.61 -4.77
N CYS A 113 9.75 -1.40 -4.21
CA CYS A 113 9.97 -2.08 -2.94
C CYS A 113 10.10 -3.57 -3.18
N PRO A 114 10.72 -4.28 -2.26
CA PRO A 114 10.85 -5.73 -2.42
C PRO A 114 9.49 -6.38 -2.30
N TRP A 115 9.37 -7.59 -2.85
CA TRP A 115 8.04 -8.16 -2.91
C TRP A 115 7.57 -8.71 -1.57
N VAL A 116 8.42 -9.45 -0.86
CA VAL A 116 8.07 -9.95 0.47
C VAL A 116 8.93 -9.22 1.50
N VAL A 117 8.27 -8.74 2.57
CA VAL A 117 8.99 -8.06 3.63
C VAL A 117 9.81 -9.07 4.44
N THR A 118 10.95 -8.62 4.96
CA THR A 118 11.87 -9.43 5.75
C THR A 118 12.31 -8.67 6.98
N PRO A 119 12.83 -9.38 7.99
CA PRO A 119 13.41 -8.71 9.15
C PRO A 119 14.54 -7.76 8.76
N GLU A 120 15.45 -8.21 7.89
CA GLU A 120 16.48 -7.31 7.37
C GLU A 120 15.85 -6.02 6.91
N PHE A 121 14.89 -6.12 5.99
CA PHE A 121 14.24 -4.93 5.47
C PHE A 121 13.71 -4.04 6.59
N LEU A 122 13.11 -4.66 7.62
CA LEU A 122 12.56 -3.91 8.75
C LEU A 122 13.63 -3.14 9.50
N GLU A 123 14.71 -3.81 9.92
CA GLU A 123 15.79 -3.09 10.59
C GLU A 123 16.38 -2.02 9.67
N LYS A 124 16.63 -2.36 8.41
CA LYS A 124 17.30 -1.42 7.51
C LYS A 124 16.57 -0.09 7.46
N TYR A 125 15.23 -0.12 7.39
CA TYR A 125 14.42 1.09 7.37
C TYR A 125 13.92 1.50 8.77
N LYS A 126 14.39 0.83 9.81
CA LYS A 126 13.90 1.05 11.15
C LYS A 126 12.37 1.13 11.17
N ILE A 127 11.73 0.15 10.54
CA ILE A 127 10.28 0.08 10.53
C ILE A 127 9.75 -0.55 11.81
N ASP A 128 8.76 0.09 12.40
CA ASP A 128 8.15 -0.41 13.62
C ASP A 128 6.95 -1.31 13.35
N TYR A 129 6.09 -0.94 12.39
CA TYR A 129 4.92 -1.72 12.06
C TYR A 129 4.73 -1.82 10.57
N VAL A 130 4.15 -2.95 10.17
CA VAL A 130 3.72 -3.20 8.81
C VAL A 130 2.20 -3.11 8.78
N ALA A 131 1.67 -2.37 7.81
CA ALA A 131 0.23 -2.13 7.63
C ALA A 131 -0.24 -2.78 6.33
N HIS A 132 -1.21 -3.69 6.43
CA HIS A 132 -1.79 -4.38 5.28
C HIS A 132 -3.19 -4.88 5.67
N ASP A 133 -3.94 -5.34 4.68
CA ASP A 133 -5.23 -5.99 4.91
C ASP A 133 -5.03 -7.49 5.12
N ASP A 134 -5.91 -8.10 5.93
CA ASP A 134 -5.76 -9.50 6.31
C ASP A 134 -5.86 -10.45 5.11
N ILE A 135 -7.03 -10.55 4.50
CA ILE A 135 -7.25 -11.39 3.31
C ILE A 135 -8.73 -11.46 3.08
N ASP A 144 -0.70 -17.93 5.89
CA ASP A 144 -0.64 -16.53 6.34
C ASP A 144 0.80 -16.00 6.33
N ILE A 145 1.20 -15.37 5.21
CA ILE A 145 2.61 -15.04 4.96
C ILE A 145 3.04 -13.89 5.85
N TYR A 146 2.15 -13.41 6.72
CA TYR A 146 2.44 -12.30 7.63
C TYR A 146 2.32 -12.71 9.10
N ALA A 147 2.33 -14.02 9.35
CA ALA A 147 2.24 -14.54 10.72
C ALA A 147 3.41 -14.04 11.57
N TRP A 148 4.63 -14.19 11.05
CA TRP A 148 5.83 -13.81 11.78
C TRP A 148 5.84 -12.36 12.18
N LEU A 149 5.03 -11.52 11.53
CA LEU A 149 4.91 -10.13 11.97
C LEU A 149 3.92 -10.01 13.12
N LYS A 150 2.74 -10.62 12.98
CA LYS A 150 1.84 -10.70 14.12
C LYS A 150 2.55 -11.27 15.33
N ARG A 151 3.34 -12.32 15.12
CA ARG A 151 4.09 -12.92 16.21
C ARG A 151 4.93 -11.90 16.96
N ALA A 152 5.41 -10.90 16.27
CA ALA A 152 6.32 -9.92 16.86
C ALA A 152 5.60 -8.64 17.28
N GLY A 153 4.27 -8.65 17.30
CA GLY A 153 3.50 -7.46 17.63
C GLY A 153 3.66 -6.36 16.59
N LYS A 154 4.29 -6.69 15.46
CA LYS A 154 4.63 -5.69 14.48
C LYS A 154 3.64 -5.64 13.31
N PHE A 155 2.51 -6.34 13.39
CA PHE A 155 1.53 -6.33 12.32
C PHE A 155 0.29 -5.57 12.75
N LYS A 156 -0.04 -4.51 12.01
CA LYS A 156 -1.26 -3.73 12.19
C LYS A 156 -2.09 -3.83 10.92
N ALA A 157 -3.37 -4.17 11.05
CA ALA A 157 -4.23 -4.52 9.93
C ALA A 157 -5.11 -3.34 9.49
N THR A 158 -5.18 -3.10 8.18
CA THR A 158 -6.02 -2.07 7.58
C THR A 158 -7.00 -2.69 6.58
N GLN A 159 -8.15 -2.03 6.40
CA GLN A 159 -9.26 -2.54 5.60
C GLN A 159 -9.46 -1.72 4.32
N ARG A 160 -10.43 -2.14 3.52
CA ARG A 160 -10.71 -1.60 2.20
C ARG A 160 -12.10 -0.94 2.18
N THR A 161 -12.53 -0.56 0.98
CA THR A 161 -13.90 -0.09 0.77
C THR A 161 -14.43 -0.53 -0.60
N VAL A 164 -16.24 1.56 -4.92
CA VAL A 164 -15.41 2.74 -4.76
C VAL A 164 -14.19 2.69 -5.70
N SER A 165 -14.18 1.74 -6.63
CA SER A 165 -13.07 1.54 -7.54
C SER A 165 -13.36 2.16 -8.91
N THR A 166 -12.27 2.44 -9.63
CA THR A 166 -12.33 2.94 -10.99
C THR A 166 -13.35 2.17 -11.83
N THR A 167 -13.12 0.87 -11.96
CA THR A 167 -14.06 -0.02 -12.63
C THR A 167 -15.52 0.33 -12.30
N ASP A 168 -15.82 0.50 -11.00
CA ASP A 168 -17.18 0.89 -10.61
C ASP A 168 -17.68 2.08 -11.41
N LEU A 169 -16.78 3.01 -11.75
CA LEU A 169 -17.17 4.27 -12.35
C LEU A 169 -17.58 4.11 -13.81
N ILE A 170 -16.81 3.34 -14.58
CA ILE A 170 -17.17 3.11 -15.98
C ILE A 170 -18.58 2.51 -16.09
N VAL A 171 -18.94 1.65 -15.14
CA VAL A 171 -20.30 1.14 -15.10
C VAL A 171 -21.29 2.29 -15.03
N ARG A 172 -21.04 3.24 -14.13
CA ARG A 172 -21.95 4.38 -14.01
C ARG A 172 -21.96 5.20 -15.30
N ILE A 173 -20.85 5.23 -16.03
CA ILE A 173 -20.85 5.90 -17.33
C ILE A 173 -21.68 5.11 -18.33
N LEU A 174 -21.47 3.79 -18.41
CA LEU A 174 -22.17 2.97 -19.39
C LEU A 174 -23.60 2.66 -18.97
N LYS A 175 -23.94 2.81 -17.69
CA LYS A 175 -25.31 2.57 -17.27
C LYS A 175 -26.28 3.46 -18.05
N ASN A 176 -25.81 4.63 -18.50
CA ASN A 176 -26.50 5.64 -19.32
C ASN A 176 -26.91 5.13 -20.72
N TYR A 177 -26.77 3.81 -20.98
CA TYR A 177 -27.05 3.23 -22.30
C TYR A 177 -27.38 1.75 -22.11
N GLU A 178 -28.68 1.44 -22.09
CA GLU A 178 -29.18 0.06 -21.95
C GLU A 178 -28.28 -0.84 -21.11
O01 XFV B . 7.53 -2.82 20.17
S02 XFV B . 7.61 -2.33 18.84
O03 XFV B . 8.51 -1.25 18.56
C04 XFV B . 7.70 -3.58 17.67
C05 XFV B . 6.12 -3.67 17.65
C06 XFV B . 6.06 -2.18 18.11
H042 XFV B . 8.15 -3.37 16.69
H041 XFV B . 8.20 -4.53 17.92
H052 XFV B . 5.68 -3.88 16.66
H051 XFV B . 5.69 -4.40 18.34
H062 XFV B . 5.92 -1.47 17.28
H061 XFV B . 5.18 -1.95 18.74
O01 XFV C . 1.96 -7.96 -0.84
S02 XFV C . 2.36 -7.19 -1.97
O03 XFV C . 3.68 -7.32 -2.52
C04 XFV C . 1.17 -7.13 -3.17
C05 XFV C . 0.60 -5.81 -2.59
C06 XFV C . 1.94 -5.55 -1.82
H042 XFV C . 1.47 -7.05 -4.23
H041 XFV C . 0.43 -7.94 -3.23
H052 XFV C . 0.34 -5.05 -3.34
H051 XFV C . -0.28 -5.93 -1.95
H062 XFV C . 2.59 -4.78 -2.30
H061 XFV C . 1.81 -5.11 -0.82
#